data_8E4F
#
_entry.id   8E4F
#
_cell.length_a   133.877
_cell.length_b   133.877
_cell.length_c   75.876
_cell.angle_alpha   90.000
_cell.angle_beta   90.000
_cell.angle_gamma   120.000
#
_symmetry.space_group_name_H-M   'P 63 2 2'
#
loop_
_entity.id
_entity.type
_entity.pdbx_description
1 polymer 'Dihydrofolate reductase'
2 non-polymer 'NADP NICOTINAMIDE-ADENINE-DINUCLEOTIDE PHOSPHATE'
3 non-polymer 'FOLIC ACID'
4 non-polymer 'SODIUM ION'
5 water water
#
_entity_poly.entity_id   1
_entity_poly.type   'polypeptide(L)'
_entity_poly.pdbx_seq_one_letter_code
;MAHHHHHHAMATRTLHMNLIVAVDGCGGIGRNGGMPWFLPAEMARFAKLTTLTTDSGKKNAVIMGRKVWESIPPKFRPLK
SRFNVVLSKKMKEESNENVVVARSFESAVSLLQDMENIETIWNIGGREVYELGLNSPFLHQMYITRVEGDFLADVFFPRV
DYGRFIKSTESEEMHEEKGIKYRYEIYTIKTDKVA
;
_entity_poly.pdbx_strand_id   A
#
# COMPACT_ATOMS: atom_id res chain seq x y z
N ARG A 13 -13.42 -5.93 15.36
CA ARG A 13 -12.61 -5.61 16.53
C ARG A 13 -11.21 -5.15 16.11
N THR A 14 -10.31 -6.12 15.94
CA THR A 14 -8.96 -5.81 15.49
C THR A 14 -9.00 -5.31 14.04
N LEU A 15 -8.39 -4.15 13.80
CA LEU A 15 -8.32 -3.57 12.46
C LEU A 15 -6.88 -3.17 12.18
N HIS A 16 -6.17 -4.02 11.44
CA HIS A 16 -4.79 -3.75 11.09
C HIS A 16 -4.71 -2.81 9.89
N MET A 17 -3.67 -2.00 9.88
CA MET A 17 -3.27 -1.25 8.68
C MET A 17 -1.89 -1.73 8.28
N ASN A 18 -1.80 -2.31 7.09
CA ASN A 18 -0.54 -2.80 6.55
C ASN A 18 -0.07 -1.89 5.43
N LEU A 19 1.24 -1.70 5.35
CA LEU A 19 1.86 -0.96 4.27
C LEU A 19 2.41 -1.95 3.25
N ILE A 20 2.20 -1.66 1.97
CA ILE A 20 2.77 -2.46 0.89
C ILE A 20 3.38 -1.50 -0.13
N VAL A 21 4.62 -1.79 -0.53
CA VAL A 21 5.38 -0.86 -1.36
C VAL A 21 6.51 -1.63 -2.04
N ALA A 22 6.92 -1.14 -3.20
CA ALA A 22 8.12 -1.62 -3.88
C ALA A 22 9.09 -0.44 -3.98
N VAL A 23 10.27 -0.59 -3.38
CA VAL A 23 11.28 0.46 -3.35
C VAL A 23 12.54 -0.05 -4.03
N ASP A 24 13.32 0.89 -4.58
CA ASP A 24 14.57 0.54 -5.24
C ASP A 24 15.74 0.74 -4.27
N GLY A 25 16.96 0.71 -4.80
CA GLY A 25 18.13 0.73 -3.92
C GLY A 25 18.28 2.01 -3.12
N CYS A 26 17.72 3.11 -3.61
CA CYS A 26 17.74 4.39 -2.92
C CYS A 26 16.42 4.71 -2.24
N GLY A 27 15.51 3.76 -2.14
CA GLY A 27 14.21 4.01 -1.56
C GLY A 27 13.21 4.69 -2.47
N GLY A 28 13.51 4.81 -3.76
CA GLY A 28 12.59 5.45 -4.68
C GLY A 28 11.40 4.57 -5.00
N ILE A 29 10.26 5.23 -5.24
CA ILE A 29 9.01 4.51 -5.52
C ILE A 29 8.37 5.02 -6.80
N GLY A 30 8.60 6.28 -7.15
CA GLY A 30 7.89 6.90 -8.24
C GLY A 30 8.80 7.68 -9.16
N ARG A 31 8.39 7.75 -10.43
CA ARG A 31 9.12 8.51 -11.43
C ARG A 31 8.13 9.07 -12.44
N ASN A 32 8.12 10.39 -12.61
CA ASN A 32 7.30 11.06 -13.62
C ASN A 32 5.83 10.72 -13.47
N GLY A 33 5.34 10.65 -12.22
CA GLY A 33 3.96 10.32 -11.95
C GLY A 33 3.61 8.86 -12.05
N GLY A 34 4.52 8.01 -12.52
CA GLY A 34 4.25 6.58 -12.62
C GLY A 34 5.23 5.72 -11.88
N MET A 35 5.15 4.41 -12.07
CA MET A 35 6.13 3.58 -11.39
C MET A 35 7.34 3.34 -12.30
N PRO A 36 8.56 3.32 -11.75
CA PRO A 36 9.76 3.23 -12.59
C PRO A 36 9.99 1.86 -13.21
N TRP A 37 9.08 0.90 -12.98
CA TRP A 37 9.27 -0.45 -13.49
C TRP A 37 7.89 -1.08 -13.68
N PHE A 38 7.88 -2.23 -14.34
CA PHE A 38 6.67 -3.04 -14.50
C PHE A 38 7.04 -4.49 -14.21
N LEU A 39 6.48 -5.03 -13.13
CA LEU A 39 6.81 -6.39 -12.67
C LEU A 39 5.50 -7.16 -12.52
N PRO A 40 5.05 -7.83 -13.58
CA PRO A 40 3.72 -8.46 -13.54
C PRO A 40 3.56 -9.50 -12.43
N ALA A 41 4.58 -10.30 -12.15
CA ALA A 41 4.46 -11.28 -11.07
C ALA A 41 4.40 -10.58 -9.72
N GLU A 42 5.23 -9.55 -9.54
CA GLU A 42 5.21 -8.80 -8.28
C GLU A 42 3.85 -8.13 -8.06
N MET A 43 3.22 -7.65 -9.14
CA MET A 43 1.94 -6.97 -8.99
C MET A 43 0.79 -7.94 -8.79
N ALA A 44 0.89 -9.15 -9.33
CA ALA A 44 -0.11 -10.17 -9.02
C ALA A 44 -0.10 -10.51 -7.54
N ARG A 45 1.08 -10.53 -6.92
CA ARG A 45 1.18 -10.75 -5.49
C ARG A 45 0.59 -9.57 -4.72
N PHE A 46 0.82 -8.35 -5.20
CA PHE A 46 0.18 -7.18 -4.63
C PHE A 46 -1.34 -7.33 -4.66
N ALA A 47 -1.89 -7.74 -5.81
CA ALA A 47 -3.34 -7.88 -5.93
C ALA A 47 -3.87 -8.94 -4.98
N LYS A 48 -3.14 -10.03 -4.81
CA LYS A 48 -3.61 -11.10 -3.92
C LYS A 48 -3.50 -10.68 -2.47
N LEU A 49 -2.40 -10.05 -2.08
CA LEU A 49 -2.22 -9.65 -0.69
C LEU A 49 -3.28 -8.62 -0.27
N THR A 50 -3.60 -7.68 -1.15
CA THR A 50 -4.54 -6.62 -0.80
C THR A 50 -6.00 -7.04 -0.97
N THR A 51 -6.28 -8.16 -1.63
CA THR A 51 -7.65 -8.58 -1.88
C THR A 51 -8.11 -9.69 -0.95
N LEU A 52 -7.34 -10.78 -0.84
CA LEU A 52 -7.80 -11.96 -0.12
C LEU A 52 -8.01 -11.66 1.36
N THR A 53 -9.17 -12.07 1.88
CA THR A 53 -9.54 -11.88 3.26
C THR A 53 -9.71 -13.23 3.95
N THR A 54 -9.51 -13.24 5.27
CA THR A 54 -9.75 -14.44 6.05
C THR A 54 -11.24 -14.76 6.11
N ASP A 55 -12.05 -13.76 6.47
CA ASP A 55 -13.50 -13.90 6.54
C ASP A 55 -14.09 -13.58 5.18
N SER A 56 -14.63 -14.60 4.50
CA SER A 56 -15.33 -14.36 3.25
C SER A 56 -16.56 -13.50 3.50
N GLY A 57 -16.96 -12.75 2.48
CA GLY A 57 -17.98 -11.74 2.63
C GLY A 57 -17.47 -10.43 3.21
N LYS A 58 -16.38 -10.46 3.97
CA LYS A 58 -15.70 -9.25 4.38
C LYS A 58 -14.77 -8.76 3.26
N LYS A 59 -14.51 -7.46 3.26
CA LYS A 59 -13.70 -6.82 2.24
C LYS A 59 -12.44 -6.24 2.85
N ASN A 60 -11.45 -6.01 1.99
CA ASN A 60 -10.27 -5.22 2.35
C ASN A 60 -10.42 -3.82 1.80
N ALA A 61 -9.77 -2.87 2.46
CA ALA A 61 -9.75 -1.48 2.02
C ALA A 61 -8.34 -1.10 1.61
N VAL A 62 -8.23 -0.38 0.50
CA VAL A 62 -6.97 0.23 0.08
C VAL A 62 -7.12 1.74 0.21
N ILE A 63 -6.18 2.35 0.92
CA ILE A 63 -6.13 3.80 1.06
C ILE A 63 -4.94 4.30 0.27
N MET A 64 -5.15 5.36 -0.52
CA MET A 64 -4.13 5.83 -1.44
C MET A 64 -4.25 7.35 -1.59
N GLY A 65 -3.20 7.95 -2.14
CA GLY A 65 -3.23 9.34 -2.52
C GLY A 65 -3.80 9.54 -3.91
N ARG A 66 -4.04 10.81 -4.26
CA ARG A 66 -4.64 11.11 -5.55
C ARG A 66 -3.74 10.68 -6.70
N LYS A 67 -2.42 10.83 -6.54
CA LYS A 67 -1.51 10.51 -7.63
C LYS A 67 -1.37 9.01 -7.85
N VAL A 68 -1.52 8.21 -6.79
CA VAL A 68 -1.61 6.77 -7.00
C VAL A 68 -2.89 6.42 -7.75
N TRP A 69 -4.01 7.04 -7.36
CA TRP A 69 -5.27 6.85 -8.06
C TRP A 69 -5.13 7.20 -9.54
N GLU A 70 -4.50 8.34 -9.84
CA GLU A 70 -4.31 8.75 -11.22
C GLU A 70 -3.30 7.88 -11.96
N SER A 71 -2.44 7.15 -11.24
CA SER A 71 -1.47 6.28 -11.88
C SER A 71 -2.05 4.93 -12.27
N ILE A 72 -3.25 4.60 -11.79
CA ILE A 72 -3.92 3.35 -12.15
C ILE A 72 -4.69 3.57 -13.44
N PRO A 73 -4.54 2.69 -14.43
CA PRO A 73 -5.34 2.83 -15.67
C PRO A 73 -6.82 2.82 -15.36
N PRO A 74 -7.59 3.74 -15.95
CA PRO A 74 -9.01 3.85 -15.58
C PRO A 74 -9.81 2.57 -15.81
N LYS A 75 -9.35 1.67 -16.69
CA LYS A 75 -10.03 0.40 -16.86
C LYS A 75 -9.88 -0.50 -15.64
N PHE A 76 -8.84 -0.29 -14.83
CA PHE A 76 -8.65 -1.01 -13.59
C PHE A 76 -9.11 -0.23 -12.37
N ARG A 77 -9.68 0.97 -12.56
CA ARG A 77 -10.20 1.80 -11.49
C ARG A 77 -11.69 1.60 -11.37
N PRO A 78 -12.21 1.27 -10.18
CA PRO A 78 -11.45 1.08 -8.94
C PRO A 78 -10.81 -0.32 -8.85
N LEU A 79 -9.84 -0.47 -7.96
CA LEU A 79 -9.19 -1.77 -7.77
C LEU A 79 -10.23 -2.82 -7.38
N LYS A 80 -10.28 -3.90 -8.15
CA LYS A 80 -11.39 -4.85 -8.05
C LYS A 80 -11.41 -5.55 -6.70
N SER A 81 -12.62 -5.79 -6.20
CA SER A 81 -12.89 -6.56 -5.00
C SER A 81 -12.33 -5.91 -3.74
N ARG A 82 -12.00 -4.63 -3.80
CA ARG A 82 -11.51 -3.88 -2.65
C ARG A 82 -12.23 -2.55 -2.57
N PHE A 83 -12.44 -2.07 -1.34
CA PHE A 83 -13.01 -0.74 -1.13
C PHE A 83 -11.91 0.30 -1.26
N ASN A 84 -12.07 1.21 -2.21
CA ASN A 84 -11.04 2.21 -2.50
C ASN A 84 -11.31 3.50 -1.74
N VAL A 85 -10.30 3.99 -1.03
CA VAL A 85 -10.35 5.28 -0.34
C VAL A 85 -9.21 6.14 -0.88
N VAL A 86 -9.54 7.27 -1.47
CA VAL A 86 -8.58 8.17 -2.09
C VAL A 86 -8.52 9.45 -1.27
N LEU A 87 -7.33 9.77 -0.76
CA LEU A 87 -7.11 11.02 -0.05
C LEU A 87 -6.82 12.12 -1.07
N SER A 88 -7.56 13.23 -0.98
CA SER A 88 -7.36 14.36 -1.88
C SER A 88 -8.20 15.52 -1.39
N LYS A 89 -7.63 16.73 -1.45
CA LYS A 89 -8.39 17.93 -1.17
C LYS A 89 -9.01 18.55 -2.42
N LYS A 90 -8.60 18.07 -3.61
CA LYS A 90 -9.03 18.66 -4.87
C LYS A 90 -10.02 17.80 -5.65
N MET A 91 -10.06 16.50 -5.40
CA MET A 91 -10.87 15.61 -6.22
C MET A 91 -12.36 15.79 -5.93
N LYS A 92 -13.15 15.81 -7.00
CA LYS A 92 -14.59 15.73 -6.85
C LYS A 92 -14.98 14.34 -6.33
N GLU A 93 -16.15 14.27 -5.69
CA GLU A 93 -16.62 13.00 -5.16
C GLU A 93 -16.83 11.99 -6.27
N GLU A 94 -16.54 10.73 -5.97
CA GLU A 94 -16.68 9.64 -6.92
C GLU A 94 -18.03 8.98 -6.73
N SER A 95 -18.83 8.92 -7.81
CA SER A 95 -20.17 8.36 -7.70
C SER A 95 -20.13 6.85 -7.46
N ASN A 96 -19.09 6.18 -7.93
CA ASN A 96 -18.96 4.74 -7.72
C ASN A 96 -18.98 4.42 -6.23
N GLU A 97 -19.82 3.47 -5.85
CA GLU A 97 -20.00 3.13 -4.44
C GLU A 97 -18.80 2.39 -3.84
N ASN A 98 -17.89 1.88 -4.67
CA ASN A 98 -16.67 1.25 -4.20
C ASN A 98 -15.54 2.24 -3.99
N VAL A 99 -15.77 3.53 -4.27
CA VAL A 99 -14.77 4.58 -4.08
C VAL A 99 -15.37 5.67 -3.22
N VAL A 100 -14.56 6.18 -2.29
CA VAL A 100 -14.91 7.37 -1.52
C VAL A 100 -13.68 8.28 -1.51
N VAL A 101 -13.91 9.57 -1.74
CA VAL A 101 -12.85 10.57 -1.63
C VAL A 101 -12.87 11.11 -0.21
N ALA A 102 -11.76 10.94 0.50
CA ALA A 102 -11.63 11.41 1.87
C ALA A 102 -10.73 12.64 1.92
N ARG A 103 -11.16 13.64 2.68
CA ARG A 103 -10.43 14.91 2.74
C ARG A 103 -9.30 14.90 3.75
N SER A 104 -9.20 13.87 4.59
CA SER A 104 -8.13 13.79 5.57
C SER A 104 -7.87 12.34 5.92
N PHE A 105 -6.66 12.07 6.40
CA PHE A 105 -6.30 10.72 6.81
C PHE A 105 -7.14 10.27 8.00
N GLU A 106 -7.33 11.17 8.97
CA GLU A 106 -8.09 10.81 10.17
C GLU A 106 -9.54 10.45 9.81
N SER A 107 -10.18 11.25 8.94
CA SER A 107 -11.55 10.94 8.55
C SER A 107 -11.63 9.66 7.72
N ALA A 108 -10.60 9.37 6.93
CA ALA A 108 -10.58 8.13 6.17
C ALA A 108 -10.51 6.91 7.10
N VAL A 109 -9.64 6.96 8.11
CA VAL A 109 -9.50 5.85 9.02
C VAL A 109 -10.76 5.70 9.88
N SER A 110 -11.33 6.82 10.31
CA SER A 110 -12.55 6.75 11.11
C SER A 110 -13.71 6.16 10.31
N LEU A 111 -13.78 6.48 9.02
CA LEU A 111 -14.80 5.89 8.16
C LEU A 111 -14.60 4.40 7.97
N LEU A 112 -13.33 3.98 7.84
CA LEU A 112 -13.06 2.56 7.58
C LEU A 112 -13.33 1.72 8.82
N GLN A 113 -12.97 2.21 10.01
CA GLN A 113 -13.28 1.49 11.23
C GLN A 113 -14.77 1.51 11.54
N ASP A 114 -15.53 2.42 10.91
CA ASP A 114 -16.97 2.41 11.05
C ASP A 114 -17.61 1.27 10.28
N MET A 115 -17.17 1.05 9.05
CA MET A 115 -17.71 -0.05 8.26
C MET A 115 -17.20 -1.38 8.80
N GLU A 116 -18.12 -2.29 9.09
CA GLU A 116 -17.77 -3.55 9.73
C GLU A 116 -17.34 -4.62 8.74
N ASN A 117 -17.67 -4.47 7.46
CA ASN A 117 -17.29 -5.46 6.46
C ASN A 117 -15.86 -5.27 5.97
N ILE A 118 -15.07 -4.42 6.61
CA ILE A 118 -13.67 -4.19 6.26
C ILE A 118 -12.81 -5.01 7.22
N GLU A 119 -11.96 -5.88 6.66
CA GLU A 119 -11.11 -6.73 7.49
C GLU A 119 -9.75 -6.10 7.74
N THR A 120 -9.10 -5.60 6.69
CA THR A 120 -7.76 -5.05 6.80
C THR A 120 -7.63 -3.84 5.90
N ILE A 121 -6.99 -2.80 6.40
CA ILE A 121 -6.66 -1.63 5.60
C ILE A 121 -5.26 -1.81 5.02
N TRP A 122 -5.14 -1.68 3.70
CA TRP A 122 -3.86 -1.77 3.01
C TRP A 122 -3.48 -0.37 2.53
N ASN A 123 -2.41 0.18 3.12
CA ASN A 123 -1.90 1.49 2.74
C ASN A 123 -1.02 1.31 1.51
N ILE A 124 -1.56 1.60 0.33
CA ILE A 124 -0.80 1.47 -0.91
C ILE A 124 -0.13 2.78 -1.29
N GLY A 125 -0.24 3.81 -0.45
CA GLY A 125 0.77 4.84 -0.43
C GLY A 125 0.63 6.07 -1.29
N GLY A 126 1.77 6.49 -1.82
CA GLY A 126 2.09 7.89 -1.96
C GLY A 126 2.87 8.22 -0.70
N ARG A 127 3.93 9.03 -0.81
CA ARG A 127 4.84 9.22 0.32
C ARG A 127 4.09 9.70 1.56
N GLU A 128 3.26 10.73 1.40
CA GLU A 128 2.56 11.29 2.56
C GLU A 128 1.61 10.27 3.17
N VAL A 129 0.94 9.47 2.34
CA VAL A 129 0.03 8.45 2.86
C VAL A 129 0.81 7.39 3.63
N TYR A 130 1.96 6.96 3.11
CA TYR A 130 2.83 6.05 3.85
C TYR A 130 3.28 6.67 5.17
N GLU A 131 3.62 7.95 5.14
CA GLU A 131 4.10 8.62 6.35
C GLU A 131 3.03 8.64 7.44
N LEU A 132 1.80 8.97 7.07
CA LEU A 132 0.72 8.97 8.05
C LEU A 132 0.43 7.57 8.56
N GLY A 133 0.56 6.56 7.70
CA GLY A 133 0.42 5.18 8.16
C GLY A 133 1.49 4.78 9.15
N LEU A 134 2.72 5.24 8.93
CA LEU A 134 3.81 4.94 9.85
C LEU A 134 3.63 5.59 11.21
N ASN A 135 2.72 6.55 11.35
CA ASN A 135 2.43 7.21 12.61
C ASN A 135 1.05 6.85 13.15
N SER A 136 0.43 5.81 12.61
CA SER A 136 -0.93 5.42 12.94
C SER A 136 -0.94 4.35 14.04
N PRO A 137 -1.85 4.46 15.00
CA PRO A 137 -2.01 3.38 15.99
C PRO A 137 -2.42 2.07 15.36
N PHE A 138 -3.03 2.08 14.18
CA PHE A 138 -3.43 0.88 13.47
C PHE A 138 -2.30 0.23 12.71
N LEU A 139 -1.11 0.84 12.69
CA LEU A 139 0.02 0.27 11.97
C LEU A 139 0.33 -1.12 12.46
N HIS A 140 0.39 -2.08 11.53
CA HIS A 140 0.66 -3.47 11.87
C HIS A 140 1.89 -4.01 11.16
N GLN A 141 1.89 -4.06 9.83
CA GLN A 141 2.98 -4.68 9.10
C GLN A 141 3.36 -3.86 7.88
N MET A 142 4.61 -4.00 7.46
CA MET A 142 5.12 -3.44 6.21
C MET A 142 5.51 -4.58 5.28
N TYR A 143 4.96 -4.59 4.08
CA TYR A 143 5.32 -5.55 3.04
C TYR A 143 6.12 -4.79 2.00
N ILE A 144 7.45 -4.88 2.09
CA ILE A 144 8.36 -4.10 1.27
C ILE A 144 8.98 -5.02 0.22
N THR A 145 8.85 -4.63 -1.05
CA THR A 145 9.56 -5.27 -2.15
C THR A 145 10.80 -4.43 -2.44
N ARG A 146 11.98 -4.96 -2.14
CA ARG A 146 13.23 -4.23 -2.34
C ARG A 146 13.78 -4.58 -3.72
N VAL A 147 13.77 -3.60 -4.62
CA VAL A 147 14.23 -3.77 -5.99
C VAL A 147 15.69 -3.33 -6.09
N GLU A 148 16.49 -4.13 -6.80
CA GLU A 148 17.89 -3.79 -6.97
C GLU A 148 18.05 -2.63 -7.96
N GLY A 149 19.00 -1.75 -7.67
CA GLY A 149 19.39 -0.72 -8.60
C GLY A 149 18.78 0.63 -8.29
N ASP A 150 19.28 1.64 -9.00
CA ASP A 150 18.82 3.02 -8.91
C ASP A 150 18.02 3.31 -10.17
N PHE A 151 16.71 3.52 -10.01
CA PHE A 151 15.82 3.76 -11.14
C PHE A 151 15.53 5.24 -11.35
N LEU A 152 16.33 6.12 -10.74
CA LEU A 152 16.23 7.56 -10.93
C LEU A 152 14.81 8.06 -10.62
N ALA A 153 14.41 7.84 -9.38
CA ALA A 153 13.07 8.18 -8.92
C ALA A 153 13.01 9.62 -8.44
N ASP A 154 11.83 10.22 -8.57
CA ASP A 154 11.57 11.55 -8.05
C ASP A 154 10.66 11.55 -6.83
N VAL A 155 10.09 10.41 -6.46
CA VAL A 155 9.31 10.25 -5.25
C VAL A 155 9.88 9.07 -4.46
N PHE A 156 9.99 9.23 -3.14
CA PHE A 156 10.68 8.26 -2.33
C PHE A 156 9.80 7.82 -1.16
N PHE A 157 10.05 6.60 -0.69
CA PHE A 157 9.42 6.10 0.51
C PHE A 157 9.85 6.94 1.71
N PRO A 158 8.99 7.10 2.72
CA PRO A 158 9.38 7.85 3.91
C PRO A 158 10.60 7.25 4.60
N ARG A 159 11.34 8.10 5.30
CA ARG A 159 12.44 7.65 6.15
C ARG A 159 11.87 6.95 7.36
N VAL A 160 12.02 5.63 7.43
CA VAL A 160 11.42 4.81 8.48
C VAL A 160 12.54 4.24 9.35
N ASP A 161 12.29 4.18 10.65
CA ASP A 161 13.20 3.54 11.59
C ASP A 161 12.84 2.07 11.67
N TYR A 162 13.65 1.23 11.03
CA TYR A 162 13.39 -0.21 11.03
C TYR A 162 13.55 -0.82 12.41
N GLY A 163 14.22 -0.14 13.33
CA GLY A 163 14.33 -0.61 14.70
C GLY A 163 13.01 -0.71 15.43
N ARG A 164 11.95 -0.08 14.89
CA ARG A 164 10.62 -0.21 15.46
C ARG A 164 9.96 -1.53 15.10
N PHE A 165 10.54 -2.30 14.19
CA PHE A 165 9.89 -3.47 13.63
C PHE A 165 10.71 -4.74 13.89
N ILE A 166 10.04 -5.88 13.75
CA ILE A 166 10.67 -7.19 13.75
C ILE A 166 10.63 -7.71 12.32
N LYS A 167 11.79 -8.00 11.75
CA LYS A 167 11.86 -8.55 10.40
C LYS A 167 11.50 -10.02 10.45
N SER A 168 10.51 -10.42 9.64
CA SER A 168 10.13 -11.81 9.56
C SER A 168 11.26 -12.62 8.91
N THR A 169 11.49 -13.83 9.44
CA THR A 169 12.67 -14.61 9.10
C THR A 169 12.38 -15.76 8.15
N GLU A 170 11.23 -15.78 7.49
CA GLU A 170 10.98 -16.79 6.47
C GLU A 170 11.99 -16.64 5.34
N SER A 171 12.31 -17.77 4.71
CA SER A 171 13.30 -17.75 3.64
C SER A 171 12.75 -17.01 2.44
N GLU A 172 13.51 -16.02 1.96
CA GLU A 172 13.10 -15.18 0.85
C GLU A 172 14.16 -15.27 -0.24
N GLU A 173 13.78 -15.83 -1.38
CA GLU A 173 14.67 -15.94 -2.52
C GLU A 173 14.71 -14.65 -3.31
N MET A 174 15.60 -14.59 -4.28
CA MET A 174 15.65 -13.49 -5.23
C MET A 174 14.68 -13.78 -6.37
N HIS A 175 14.03 -12.72 -6.86
CA HIS A 175 13.14 -12.81 -8.01
C HIS A 175 13.69 -11.96 -9.15
N GLU A 176 13.29 -12.29 -10.36
CA GLU A 176 13.71 -11.52 -11.52
C GLU A 176 12.65 -11.54 -12.60
N GLU A 177 12.24 -10.35 -13.06
CA GLU A 177 11.41 -10.18 -14.25
C GLU A 177 12.01 -9.06 -15.08
N LYS A 178 12.06 -9.27 -16.40
CA LYS A 178 12.50 -8.24 -17.34
C LYS A 178 13.87 -7.68 -16.98
N GLY A 179 14.74 -8.55 -16.48
CA GLY A 179 16.07 -8.11 -16.07
C GLY A 179 16.10 -7.29 -14.81
N ILE A 180 15.03 -7.32 -14.02
CA ILE A 180 14.93 -6.55 -12.78
C ILE A 180 14.86 -7.53 -11.62
N LYS A 181 15.77 -7.38 -10.65
CA LYS A 181 15.86 -8.27 -9.51
C LYS A 181 15.24 -7.62 -8.28
N TYR A 182 14.56 -8.43 -7.47
CA TYR A 182 13.93 -7.91 -6.26
C TYR A 182 13.74 -9.05 -5.26
N ARG A 183 13.55 -8.67 -4.00
CA ARG A 183 13.34 -9.61 -2.91
C ARG A 183 12.25 -9.07 -2.00
N TYR A 184 11.48 -9.99 -1.40
CA TYR A 184 10.39 -9.63 -0.52
C TYR A 184 10.87 -9.55 0.93
N GLU A 185 10.32 -8.58 1.66
CA GLU A 185 10.59 -8.40 3.09
C GLU A 185 9.29 -8.13 3.81
N ILE A 186 9.17 -8.66 5.02
CA ILE A 186 7.98 -8.46 5.85
C ILE A 186 8.43 -7.99 7.22
N TYR A 187 7.82 -6.92 7.72
CA TYR A 187 8.13 -6.36 9.02
C TYR A 187 6.85 -6.25 9.85
N THR A 188 6.97 -6.48 11.15
CA THR A 188 5.86 -6.35 12.07
C THR A 188 6.23 -5.35 13.16
N ILE A 189 5.32 -4.42 13.46
CA ILE A 189 5.58 -3.43 14.49
C ILE A 189 5.83 -4.14 15.82
N LYS A 190 6.76 -3.61 16.61
CA LYS A 190 7.29 -4.36 17.74
C LYS A 190 6.27 -4.53 18.86
N THR A 191 5.31 -3.61 18.99
CA THR A 191 4.30 -3.75 20.03
C THR A 191 3.29 -4.84 19.71
N ASP A 192 3.20 -5.27 18.45
CA ASP A 192 2.32 -6.36 18.05
C ASP A 192 3.01 -7.71 18.06
N LYS A 193 4.30 -7.76 18.36
CA LYS A 193 5.04 -9.02 18.36
C LYS A 193 5.89 -9.14 19.62
#